data_1JPY
#
_entry.id   1JPY
#
_cell.length_a   126.438
_cell.length_b   126.438
_cell.length_c   89.914
_cell.angle_alpha   90.00
_cell.angle_beta   90.00
_cell.angle_gamma   120.00
#
_symmetry.space_group_name_H-M   'P 65'
#
loop_
_entity.id
_entity.type
_entity.pdbx_description
1 polymer 'interleukin 17F'
2 branched 2-acetamido-2-deoxy-alpha-D-glucopyranose-(1-4)-2-acetamido-2-deoxy-beta-D-glucopyranose
3 branched 2-acetamido-2-deoxy-beta-D-glucopyranose-(1-4)-2-acetamido-2-deoxy-beta-D-glucopyranose
4 non-polymer 2-acetamido-2-deoxy-beta-D-glucopyranose
5 non-polymer 'SULFATE ION'
6 water water
#
_entity_poly.entity_id   1
_entity_poly.type   'polypeptide(L)'
_entity_poly.pdbx_seq_one_letter_code
;GSHMRKIPKVGHTFFQKPESCPPVPGGSMKLDIGIINENQRVSMSRNIESRSTSPWNYTVTWDPNRYPSEVVQAQCRNLG
CINAQGKEDISMNSVPIQQETLVVRRKHQGCSVSFQLEKVLVTVGCTCVTPVIHHVQ
;
_entity_poly.pdbx_strand_id   A,B,X,Y
#
loop_
_chem_comp.id
_chem_comp.type
_chem_comp.name
_chem_comp.formula
NAG D-saccharide, beta linking 2-acetamido-2-deoxy-beta-D-glucopyranose 'C8 H15 N O6'
NDG D-saccharide, alpha linking 2-acetamido-2-deoxy-alpha-D-glucopyranose 'C8 H15 N O6'
SO4 non-polymer 'SULFATE ION' 'O4 S -2'
#
# COMPACT_ATOMS: atom_id res chain seq x y z
N HIS A 12 8.81 -8.08 -4.38
CA HIS A 12 9.25 -8.99 -5.46
C HIS A 12 10.32 -10.03 -5.03
N THR A 13 10.66 -10.04 -3.74
CA THR A 13 11.60 -11.01 -3.22
C THR A 13 10.78 -12.30 -3.23
N PHE A 14 9.47 -12.14 -3.38
CA PHE A 14 8.50 -13.23 -3.37
C PHE A 14 8.69 -14.29 -4.46
N PHE A 15 9.23 -13.91 -5.60
CA PHE A 15 9.35 -14.91 -6.66
C PHE A 15 10.67 -15.67 -6.71
N GLN A 16 11.57 -15.36 -5.79
CA GLN A 16 12.85 -16.05 -5.72
C GLN A 16 12.70 -17.49 -5.21
N LYS A 17 13.81 -18.20 -5.27
CA LYS A 17 13.90 -19.58 -4.82
C LYS A 17 14.96 -19.45 -3.75
N PRO A 18 15.05 -20.45 -2.85
CA PRO A 18 16.08 -20.34 -1.81
C PRO A 18 17.45 -20.31 -2.50
N GLU A 19 18.33 -19.38 -2.10
CA GLU A 19 19.64 -19.25 -2.72
C GLU A 19 20.34 -20.61 -2.83
N SER A 20 20.15 -21.44 -1.81
CA SER A 20 20.73 -22.77 -1.77
C SER A 20 20.16 -23.68 -2.85
N CYS A 21 19.84 -23.11 -4.01
CA CYS A 21 19.26 -23.91 -5.09
C CYS A 21 20.03 -23.79 -6.40
N PRO A 22 19.98 -24.86 -7.21
CA PRO A 22 20.67 -24.84 -8.50
C PRO A 22 19.95 -23.89 -9.47
N PRO A 23 20.62 -22.82 -9.90
CA PRO A 23 20.05 -21.83 -10.82
C PRO A 23 19.67 -22.40 -12.19
N VAL A 24 18.61 -21.88 -12.81
CA VAL A 24 18.17 -22.38 -14.10
C VAL A 24 18.39 -21.27 -15.16
N PRO A 25 17.89 -21.45 -16.39
CA PRO A 25 18.05 -20.41 -17.41
C PRO A 25 18.91 -19.11 -17.18
N GLY A 26 18.19 -17.99 -17.20
CA GLY A 26 18.76 -16.68 -16.95
C GLY A 26 17.83 -16.16 -15.89
N GLY A 27 16.57 -16.53 -16.00
CA GLY A 27 15.58 -16.11 -15.02
C GLY A 27 14.12 -16.40 -15.35
N SER A 28 13.66 -17.60 -15.05
CA SER A 28 12.28 -17.95 -15.31
C SER A 28 11.69 -18.80 -14.21
N MET A 29 10.47 -18.44 -13.82
CA MET A 29 9.73 -19.14 -12.79
C MET A 29 8.78 -20.07 -13.49
N LYS A 30 8.22 -20.96 -12.69
CA LYS A 30 7.30 -21.99 -13.10
C LYS A 30 5.84 -21.64 -12.74
N LEU A 31 5.03 -21.39 -13.78
CA LEU A 31 3.63 -21.06 -13.62
C LEU A 31 2.73 -22.25 -13.94
N ASP A 32 2.10 -22.81 -12.91
CA ASP A 32 1.22 -23.95 -13.08
C ASP A 32 -0.06 -23.62 -13.78
N ILE A 33 -0.58 -24.63 -14.45
CA ILE A 33 -1.81 -24.49 -15.19
C ILE A 33 -3.01 -24.58 -14.28
N GLY A 34 -3.96 -23.69 -14.50
CA GLY A 34 -5.17 -23.64 -13.73
C GLY A 34 -5.27 -22.35 -12.93
N ILE A 35 -6.48 -21.85 -12.77
CA ILE A 35 -6.69 -20.65 -12.00
C ILE A 35 -7.49 -21.04 -10.77
N ILE A 36 -6.90 -20.85 -9.60
CA ILE A 36 -7.59 -21.22 -8.40
C ILE A 36 -8.85 -20.38 -8.16
N ASN A 37 -9.98 -21.05 -7.96
CA ASN A 37 -11.27 -20.39 -7.68
C ASN A 37 -11.78 -19.61 -8.83
N GLU A 38 -11.44 -20.05 -10.04
CA GLU A 38 -11.88 -19.38 -11.26
C GLU A 38 -13.40 -19.35 -11.36
N ASN A 39 -14.05 -20.23 -10.61
CA ASN A 39 -15.51 -20.36 -10.66
C ASN A 39 -16.37 -19.27 -10.04
N GLN A 40 -15.76 -18.27 -9.43
CA GLN A 40 -16.52 -17.23 -8.78
C GLN A 40 -16.95 -16.08 -9.63
N ARG A 41 -18.07 -15.49 -9.23
CA ARG A 41 -18.60 -14.34 -9.95
C ARG A 41 -19.13 -13.27 -9.03
N VAL A 42 -18.57 -12.09 -9.19
CA VAL A 42 -18.94 -10.93 -8.40
C VAL A 42 -20.46 -10.76 -8.45
N SER A 43 -21.06 -10.40 -7.33
CA SER A 43 -22.48 -10.18 -7.30
C SER A 43 -22.78 -8.94 -6.50
N MET A 44 -23.25 -7.90 -7.20
CA MET A 44 -23.58 -6.64 -6.55
C MET A 44 -25.04 -6.34 -6.87
N SER A 45 -25.62 -5.33 -6.23
CA SER A 45 -27.02 -4.95 -6.49
C SER A 45 -27.27 -4.64 -7.95
N ARG A 46 -28.48 -4.89 -8.40
CA ARG A 46 -28.83 -4.65 -9.80
C ARG A 46 -28.75 -3.17 -10.09
N ASN A 47 -28.18 -2.86 -11.25
CA ASN A 47 -28.02 -1.48 -11.69
C ASN A 47 -27.42 -0.58 -10.62
N ILE A 48 -26.49 -1.14 -9.86
CA ILE A 48 -25.83 -0.43 -8.80
C ILE A 48 -25.22 0.87 -9.31
N GLU A 49 -24.65 0.83 -10.52
CA GLU A 49 -24.03 2.03 -11.04
C GLU A 49 -24.97 3.20 -11.42
N SER A 50 -26.27 2.92 -11.48
CA SER A 50 -27.27 3.92 -11.85
C SER A 50 -28.09 4.36 -10.64
N ARG A 51 -28.33 3.40 -9.75
CA ARG A 51 -29.11 3.60 -8.53
C ARG A 51 -28.29 4.28 -7.46
N SER A 52 -26.97 4.31 -7.67
CA SER A 52 -26.07 4.95 -6.73
C SER A 52 -26.22 6.49 -6.77
N THR A 53 -26.18 7.12 -5.60
CA THR A 53 -26.28 8.56 -5.54
C THR A 53 -25.07 9.19 -6.22
N SER A 54 -23.99 8.42 -6.37
CA SER A 54 -22.79 8.87 -7.10
C SER A 54 -22.62 7.85 -8.24
N PRO A 55 -23.49 7.92 -9.24
CA PRO A 55 -23.49 7.03 -10.40
C PRO A 55 -22.25 7.05 -11.25
N TRP A 56 -22.03 5.96 -11.99
CA TRP A 56 -20.85 5.88 -12.84
C TRP A 56 -21.10 5.11 -14.14
N ASN A 57 -20.28 5.37 -15.14
CA ASN A 57 -20.42 4.68 -16.43
C ASN A 57 -19.24 3.71 -16.54
N TYR A 58 -19.38 2.73 -17.42
CA TYR A 58 -18.32 1.74 -17.59
C TYR A 58 -17.67 1.84 -18.96
N THR A 59 -16.35 1.82 -18.97
CA THR A 59 -15.60 1.84 -20.22
C THR A 59 -14.82 0.52 -20.30
N VAL A 60 -15.13 -0.28 -21.31
CA VAL A 60 -14.47 -1.57 -21.50
C VAL A 60 -13.22 -1.47 -22.35
N THR A 61 -12.09 -1.91 -21.81
CA THR A 61 -10.88 -1.92 -22.62
C THR A 61 -10.65 -3.38 -22.95
N TRP A 62 -10.11 -3.64 -24.14
CA TRP A 62 -9.85 -5.02 -24.57
C TRP A 62 -8.47 -5.21 -25.20
N ASP A 63 -7.75 -6.22 -24.71
CA ASP A 63 -6.41 -6.55 -25.19
C ASP A 63 -6.30 -8.07 -25.24
N PRO A 64 -6.10 -8.62 -26.46
CA PRO A 64 -5.98 -10.07 -26.67
C PRO A 64 -4.80 -10.71 -25.98
N ASN A 65 -3.75 -9.93 -25.76
CA ASN A 65 -2.55 -10.45 -25.11
C ASN A 65 -2.53 -10.25 -23.61
N ARG A 66 -3.72 -10.05 -23.03
CA ARG A 66 -3.81 -9.86 -21.61
C ARG A 66 -4.92 -10.74 -21.02
N TYR A 67 -4.68 -11.23 -19.80
CA TYR A 67 -5.63 -12.04 -19.08
C TYR A 67 -5.88 -11.39 -17.70
N PRO A 68 -7.13 -10.97 -17.44
CA PRO A 68 -8.26 -11.11 -18.37
C PRO A 68 -8.11 -10.13 -19.55
N SER A 69 -8.82 -10.41 -20.63
CA SER A 69 -8.72 -9.57 -21.81
C SER A 69 -9.45 -8.27 -21.61
N GLU A 70 -10.62 -8.38 -21.01
CA GLU A 70 -11.47 -7.23 -20.76
C GLU A 70 -11.36 -6.67 -19.36
N VAL A 71 -10.73 -5.50 -19.28
CA VAL A 71 -10.58 -4.79 -18.02
C VAL A 71 -11.54 -3.61 -18.12
N VAL A 72 -12.55 -3.63 -17.27
CA VAL A 72 -13.58 -2.59 -17.25
C VAL A 72 -13.24 -1.41 -16.33
N GLN A 73 -13.00 -0.25 -16.90
CA GLN A 73 -12.75 0.90 -16.06
C GLN A 73 -14.06 1.64 -15.77
N ALA A 74 -14.13 2.32 -14.64
CA ALA A 74 -15.34 3.06 -14.27
C ALA A 74 -15.07 4.55 -14.18
N GLN A 75 -16.12 5.33 -14.44
CA GLN A 75 -16.04 6.78 -14.40
C GLN A 75 -17.31 7.37 -13.81
N CYS A 76 -17.14 8.19 -12.76
CA CYS A 76 -18.26 8.85 -12.11
C CYS A 76 -18.94 9.79 -13.09
N ARG A 77 -20.26 9.65 -13.24
CA ARG A 77 -21.04 10.51 -14.12
C ARG A 77 -21.14 12.01 -13.71
N ASN A 78 -20.96 12.33 -12.42
CA ASN A 78 -21.07 13.71 -11.94
C ASN A 78 -20.05 14.17 -10.93
N LEU A 79 -20.02 15.49 -10.73
CA LEU A 79 -19.12 16.10 -9.77
C LEU A 79 -19.78 15.90 -8.41
N GLY A 80 -21.07 16.22 -8.37
CA GLY A 80 -21.82 16.06 -7.15
C GLY A 80 -22.54 14.72 -7.12
N CYS A 81 -23.31 14.50 -6.04
CA CYS A 81 -24.08 13.27 -5.90
C CYS A 81 -25.47 13.66 -6.32
N ILE A 82 -26.43 12.76 -6.25
CA ILE A 82 -27.79 13.14 -6.65
C ILE A 82 -28.79 12.85 -5.54
N ASN A 83 -29.70 13.82 -5.34
CA ASN A 83 -30.73 13.74 -4.31
C ASN A 83 -31.99 13.02 -4.73
N ALA A 84 -32.93 12.91 -3.80
CA ALA A 84 -34.20 12.23 -4.03
C ALA A 84 -34.88 12.71 -5.30
N GLN A 85 -34.84 14.02 -5.52
CA GLN A 85 -35.46 14.63 -6.70
C GLN A 85 -34.77 14.17 -7.98
N GLY A 86 -33.44 14.17 -7.97
CA GLY A 86 -32.73 13.73 -9.15
C GLY A 86 -31.77 14.77 -9.67
N LYS A 87 -31.43 15.72 -8.81
CA LYS A 87 -30.52 16.78 -9.21
C LYS A 87 -29.17 16.71 -8.52
N GLU A 88 -28.14 17.02 -9.30
CA GLU A 88 -26.76 17.03 -8.84
C GLU A 88 -26.70 18.04 -7.71
N ASP A 89 -25.99 17.69 -6.63
CA ASP A 89 -25.87 18.53 -5.46
C ASP A 89 -24.38 18.67 -5.16
N ILE A 90 -23.72 19.66 -5.78
CA ILE A 90 -22.27 19.84 -5.59
C ILE A 90 -21.81 20.22 -4.19
N SER A 91 -22.70 20.09 -3.22
CA SER A 91 -22.29 20.35 -1.85
C SER A 91 -21.60 19.06 -1.43
N MET A 92 -21.91 17.99 -2.17
CA MET A 92 -21.38 16.64 -1.96
C MET A 92 -20.57 16.23 -3.18
N ASN A 93 -19.64 15.28 -3.03
CA ASN A 93 -18.80 14.86 -4.16
C ASN A 93 -18.84 13.38 -4.57
N SER A 94 -18.88 13.15 -5.88
CA SER A 94 -18.85 11.80 -6.44
C SER A 94 -17.37 11.57 -6.74
N VAL A 95 -16.75 10.68 -5.96
CA VAL A 95 -15.34 10.37 -6.11
C VAL A 95 -15.18 8.90 -6.40
N PRO A 96 -14.17 8.54 -7.19
CA PRO A 96 -13.95 7.13 -7.52
C PRO A 96 -13.23 6.28 -6.50
N ILE A 97 -13.49 4.98 -6.57
CA ILE A 97 -12.83 4.01 -5.73
C ILE A 97 -11.91 3.18 -6.67
N GLN A 98 -10.60 3.25 -6.40
CA GLN A 98 -9.58 2.56 -7.19
C GLN A 98 -9.00 1.37 -6.47
N GLN A 99 -8.87 0.27 -7.22
CA GLN A 99 -8.30 -0.97 -6.69
C GLN A 99 -7.11 -1.40 -7.54
N GLU A 100 -6.07 -1.82 -6.84
CA GLU A 100 -4.88 -2.31 -7.46
C GLU A 100 -5.14 -3.76 -7.83
N THR A 101 -4.93 -4.10 -9.09
CA THR A 101 -5.11 -5.48 -9.51
C THR A 101 -3.94 -6.00 -10.33
N LEU A 102 -3.97 -7.30 -10.55
CA LEU A 102 -2.96 -8.01 -11.31
C LEU A 102 -3.57 -8.66 -12.57
N VAL A 103 -2.92 -8.45 -13.70
CA VAL A 103 -3.37 -9.08 -14.93
C VAL A 103 -2.16 -9.74 -15.53
N VAL A 104 -2.36 -10.80 -16.30
CA VAL A 104 -1.23 -11.44 -16.93
C VAL A 104 -1.05 -10.91 -18.34
N ARG A 105 0.19 -10.62 -18.70
CA ARG A 105 0.44 -10.21 -20.07
C ARG A 105 1.11 -11.39 -20.78
N ARG A 106 0.62 -11.69 -21.99
CA ARG A 106 1.15 -12.77 -22.81
C ARG A 106 2.32 -12.29 -23.70
N LYS A 107 3.45 -12.97 -23.63
CA LYS A 107 4.58 -12.59 -24.45
C LYS A 107 5.01 -13.68 -25.42
N HIS A 108 5.52 -13.22 -26.56
CA HIS A 108 6.00 -14.08 -27.65
C HIS A 108 4.86 -14.81 -28.35
N GLN A 109 5.20 -15.71 -29.26
CA GLN A 109 4.18 -16.44 -29.99
C GLN A 109 4.41 -17.93 -29.96
N GLY A 110 3.40 -18.66 -30.36
CA GLY A 110 3.50 -20.11 -30.41
C GLY A 110 4.20 -20.78 -29.23
N CYS A 111 5.17 -21.65 -29.52
CA CYS A 111 5.88 -22.38 -28.48
C CYS A 111 6.71 -21.52 -27.52
N SER A 112 7.22 -20.38 -27.97
CA SER A 112 8.01 -19.52 -27.08
C SER A 112 7.13 -18.61 -26.17
N VAL A 113 5.84 -18.91 -26.11
CA VAL A 113 4.93 -18.13 -25.29
C VAL A 113 5.46 -18.12 -23.85
N SER A 114 5.36 -16.94 -23.21
CA SER A 114 5.83 -16.75 -21.86
C SER A 114 4.84 -15.75 -21.22
N PHE A 115 4.77 -15.72 -19.89
CA PHE A 115 3.85 -14.81 -19.21
C PHE A 115 4.51 -13.97 -18.13
N GLN A 116 4.05 -12.73 -18.02
CA GLN A 116 4.60 -11.83 -17.03
C GLN A 116 3.44 -11.09 -16.36
N LEU A 117 3.56 -10.88 -15.05
CA LEU A 117 2.52 -10.20 -14.27
C LEU A 117 2.56 -8.70 -14.52
N GLU A 118 1.38 -8.13 -14.55
CA GLU A 118 1.25 -6.69 -14.75
C GLU A 118 0.19 -6.17 -13.74
N LYS A 119 0.51 -5.03 -13.13
CA LYS A 119 -0.39 -4.40 -12.20
C LYS A 119 -1.11 -3.22 -12.82
N VAL A 120 -2.44 -3.29 -12.75
CA VAL A 120 -3.29 -2.25 -13.26
C VAL A 120 -4.26 -1.76 -12.17
N LEU A 121 -4.44 -0.44 -12.14
CA LEU A 121 -5.35 0.19 -11.21
C LEU A 121 -6.68 0.25 -11.91
N VAL A 122 -7.68 -0.34 -11.29
CA VAL A 122 -8.99 -0.31 -11.87
C VAL A 122 -9.85 0.58 -10.99
N THR A 123 -10.63 1.44 -11.64
CA THR A 123 -11.54 2.32 -10.94
C THR A 123 -12.77 1.47 -11.10
N VAL A 124 -13.22 0.97 -9.96
CA VAL A 124 -14.33 0.06 -9.86
C VAL A 124 -15.71 0.66 -9.78
N GLY A 125 -15.81 1.84 -9.20
CA GLY A 125 -17.08 2.52 -9.07
C GLY A 125 -16.88 3.76 -8.23
N CYS A 126 -17.98 4.46 -7.96
CA CYS A 126 -17.89 5.66 -7.14
C CYS A 126 -18.74 5.56 -5.89
N THR A 127 -18.36 6.40 -4.91
CA THR A 127 -19.05 6.56 -3.62
C THR A 127 -19.24 8.07 -3.48
N CYS A 128 -20.15 8.48 -2.60
CA CYS A 128 -20.43 9.88 -2.36
C CYS A 128 -19.81 10.37 -1.04
N VAL A 129 -18.97 11.40 -1.12
CA VAL A 129 -18.29 11.92 0.07
C VAL A 129 -18.55 13.40 0.35
N THR A 130 -18.12 13.83 1.54
CA THR A 130 -18.26 15.21 1.96
C THR A 130 -16.97 15.89 1.52
N PRO A 131 -17.07 17.05 0.84
CA PRO A 131 -15.92 17.83 0.33
C PRO A 131 -14.83 18.18 1.35
N VAL A 132 -13.64 18.47 0.86
CA VAL A 132 -12.50 18.82 1.72
C VAL A 132 -11.73 20.04 1.20
N HIS B 12 -8.94 -19.53 -20.86
CA HIS B 12 -9.10 -20.64 -21.84
C HIS B 12 -7.75 -20.98 -22.50
N THR B 13 -7.69 -20.81 -23.81
CA THR B 13 -6.49 -21.08 -24.59
C THR B 13 -5.38 -20.02 -24.49
N PHE B 14 -5.55 -19.06 -23.57
CA PHE B 14 -4.59 -17.96 -23.34
C PHE B 14 -3.29 -18.44 -22.73
N PHE B 15 -3.32 -19.56 -22.01
CA PHE B 15 -2.09 -20.06 -21.39
C PHE B 15 -1.45 -21.23 -22.16
N GLN B 16 -2.09 -21.70 -23.22
CA GLN B 16 -1.56 -22.82 -23.98
C GLN B 16 -0.50 -22.60 -25.09
N LYS B 17 -0.15 -23.73 -25.67
CA LYS B 17 0.82 -23.80 -26.75
C LYS B 17 0.22 -24.73 -27.79
N PRO B 18 0.76 -24.67 -29.02
CA PRO B 18 0.23 -25.58 -30.04
C PRO B 18 0.77 -26.98 -29.69
N GLU B 19 -0.12 -27.96 -29.60
CA GLU B 19 0.21 -29.34 -29.24
C GLU B 19 1.57 -29.83 -29.73
N SER B 20 1.83 -29.59 -31.00
CA SER B 20 3.08 -29.97 -31.62
C SER B 20 4.27 -29.19 -31.08
N CYS B 21 4.31 -28.94 -29.77
CA CYS B 21 5.45 -28.19 -29.23
C CYS B 21 6.33 -29.03 -28.31
N PRO B 22 7.63 -28.74 -28.30
CA PRO B 22 8.57 -29.47 -27.44
C PRO B 22 8.13 -29.43 -25.98
N PRO B 23 7.80 -30.61 -25.39
CA PRO B 23 7.35 -30.75 -23.99
C PRO B 23 8.19 -30.08 -22.91
N VAL B 24 7.52 -29.80 -21.80
CA VAL B 24 8.14 -29.18 -20.63
C VAL B 24 7.60 -29.87 -19.38
N PRO B 25 8.50 -30.38 -18.54
CA PRO B 25 8.15 -31.08 -17.30
C PRO B 25 7.03 -30.45 -16.47
N GLY B 26 6.16 -31.31 -15.94
CA GLY B 26 5.06 -30.85 -15.10
C GLY B 26 3.83 -30.32 -15.83
N GLY B 27 4.01 -29.93 -17.09
CA GLY B 27 2.90 -29.40 -17.84
C GLY B 27 2.69 -27.98 -17.37
N SER B 28 3.81 -27.29 -17.19
CA SER B 28 3.81 -25.91 -16.73
C SER B 28 4.26 -24.91 -17.79
N MET B 29 3.97 -23.64 -17.51
CA MET B 29 4.29 -22.52 -18.37
C MET B 29 5.40 -21.67 -17.78
N LYS B 30 5.92 -20.79 -18.62
CA LYS B 30 7.01 -19.90 -18.33
C LYS B 30 6.45 -18.56 -17.82
N LEU B 31 6.86 -18.19 -16.60
CA LEU B 31 6.44 -16.95 -15.97
C LEU B 31 7.66 -16.04 -15.84
N ASP B 32 7.69 -14.96 -16.60
CA ASP B 32 8.82 -14.03 -16.56
C ASP B 32 8.88 -13.20 -15.27
N ILE B 33 10.09 -12.85 -14.83
CA ILE B 33 10.25 -12.08 -13.61
C ILE B 33 10.03 -10.60 -13.85
N GLY B 34 9.57 -9.92 -12.81
CA GLY B 34 9.31 -8.50 -12.90
C GLY B 34 7.83 -8.26 -13.08
N ILE B 35 7.32 -7.25 -12.39
CA ILE B 35 5.93 -6.89 -12.47
C ILE B 35 5.87 -5.64 -13.32
N ILE B 36 5.15 -5.70 -14.43
CA ILE B 36 5.08 -4.49 -15.21
C ILE B 36 4.27 -3.48 -14.38
N ASN B 37 4.65 -2.21 -14.45
CA ASN B 37 3.97 -1.14 -13.72
C ASN B 37 3.93 -1.38 -12.22
N GLU B 38 4.88 -2.18 -11.71
CA GLU B 38 4.92 -2.48 -10.28
C GLU B 38 4.93 -1.24 -9.44
N ASN B 39 5.18 -0.12 -10.09
CA ASN B 39 5.30 1.17 -9.40
C ASN B 39 4.05 2.01 -9.17
N GLN B 40 3.06 1.89 -10.05
CA GLN B 40 1.83 2.67 -9.89
C GLN B 40 1.21 2.56 -8.51
N ARG B 41 0.67 3.68 -8.04
CA ARG B 41 0.04 3.76 -6.72
C ARG B 41 -1.39 4.23 -6.88
N VAL B 42 -2.28 3.66 -6.08
CA VAL B 42 -3.69 4.03 -6.12
C VAL B 42 -3.86 5.38 -5.45
N SER B 43 -4.63 6.27 -6.06
CA SER B 43 -4.88 7.57 -5.46
C SER B 43 -6.38 7.84 -5.32
N MET B 44 -6.83 7.96 -4.08
CA MET B 44 -8.24 8.18 -3.77
C MET B 44 -8.32 9.26 -2.73
N SER B 45 -9.49 9.86 -2.57
CA SER B 45 -9.66 10.89 -1.53
C SER B 45 -9.17 10.36 -0.20
N ARG B 46 -8.76 11.27 0.69
CA ARG B 46 -8.31 10.86 2.03
C ARG B 46 -9.50 10.58 2.95
N ASN B 47 -9.36 9.48 3.70
CA ASN B 47 -10.37 8.98 4.62
C ASN B 47 -11.67 8.75 3.83
N ILE B 48 -11.52 8.36 2.57
CA ILE B 48 -12.68 8.12 1.73
C ILE B 48 -13.74 7.22 2.38
N GLU B 49 -13.32 6.26 3.18
CA GLU B 49 -14.26 5.32 3.78
C GLU B 49 -14.99 5.84 5.01
N SER B 50 -14.66 7.05 5.44
CA SER B 50 -15.28 7.69 6.60
C SER B 50 -16.20 8.79 6.12
N ARG B 51 -15.69 9.58 5.19
CA ARG B 51 -16.41 10.69 4.58
C ARG B 51 -17.52 10.26 3.64
N SER B 52 -17.53 8.99 3.28
CA SER B 52 -18.58 8.50 2.39
C SER B 52 -19.93 8.48 3.11
N THR B 53 -20.99 8.69 2.33
CA THR B 53 -22.32 8.65 2.89
C THR B 53 -22.60 7.19 3.26
N SER B 54 -21.80 6.27 2.72
CA SER B 54 -21.91 4.84 3.00
C SER B 54 -20.53 4.36 3.45
N PRO B 55 -20.14 4.72 4.66
CA PRO B 55 -18.84 4.36 5.25
C PRO B 55 -18.56 2.88 5.23
N TRP B 56 -17.29 2.52 5.25
CA TRP B 56 -16.94 1.12 5.31
C TRP B 56 -15.75 0.98 6.18
N ASN B 57 -15.47 -0.26 6.55
CA ASN B 57 -14.33 -0.59 7.38
C ASN B 57 -13.44 -1.45 6.49
N TYR B 58 -12.15 -1.50 6.81
CA TYR B 58 -11.21 -2.29 6.03
C TYR B 58 -10.62 -3.40 6.90
N THR B 59 -10.48 -4.58 6.33
CA THR B 59 -9.84 -5.72 6.99
C THR B 59 -8.67 -6.08 6.05
N VAL B 60 -7.47 -6.07 6.58
CA VAL B 60 -6.31 -6.40 5.80
C VAL B 60 -6.03 -7.89 5.93
N THR B 61 -6.62 -8.70 5.08
CA THR B 61 -6.38 -10.15 5.07
C THR B 61 -4.92 -10.41 4.70
N TRP B 62 -4.32 -11.43 5.30
CA TRP B 62 -2.92 -11.72 5.07
C TRP B 62 -2.68 -13.19 4.76
N ASP B 63 -1.73 -13.43 3.86
CA ASP B 63 -1.37 -14.76 3.44
C ASP B 63 0.09 -14.72 2.93
N PRO B 64 1.00 -15.36 3.66
CA PRO B 64 2.43 -15.38 3.30
C PRO B 64 2.74 -16.21 2.05
N ASN B 65 1.76 -16.93 1.54
CA ASN B 65 1.98 -17.75 0.35
C ASN B 65 1.23 -17.17 -0.82
N ARG B 66 0.87 -15.90 -0.70
CA ARG B 66 0.12 -15.24 -1.73
C ARG B 66 0.72 -13.90 -2.11
N TYR B 67 0.62 -13.54 -3.37
CA TYR B 67 1.13 -12.26 -3.78
C TYR B 67 0.02 -11.54 -4.53
N PRO B 68 -0.39 -10.36 -4.05
CA PRO B 68 0.17 -9.75 -2.86
C PRO B 68 -0.27 -10.41 -1.57
N SER B 69 0.65 -10.40 -0.61
CA SER B 69 0.42 -10.99 0.70
C SER B 69 -0.79 -10.32 1.37
N GLU B 70 -0.86 -9.00 1.23
CA GLU B 70 -1.92 -8.22 1.83
C GLU B 70 -3.03 -7.86 0.83
N VAL B 71 -4.22 -8.36 1.10
CA VAL B 71 -5.35 -8.07 0.26
C VAL B 71 -6.41 -7.47 1.19
N VAL B 72 -6.69 -6.18 0.98
CA VAL B 72 -7.64 -5.43 1.80
C VAL B 72 -9.11 -5.59 1.41
N GLN B 73 -9.91 -6.12 2.32
CA GLN B 73 -11.34 -6.30 2.07
C GLN B 73 -12.15 -5.24 2.80
N ALA B 74 -13.20 -4.74 2.16
CA ALA B 74 -14.06 -3.71 2.75
C ALA B 74 -15.41 -4.26 3.25
N GLN B 75 -15.94 -3.64 4.31
CA GLN B 75 -17.24 -3.99 4.86
C GLN B 75 -18.04 -2.73 5.18
N CYS B 76 -19.25 -2.65 4.62
CA CYS B 76 -20.15 -1.52 4.79
C CYS B 76 -20.52 -1.40 6.25
N ARG B 77 -20.37 -0.21 6.79
CA ARG B 77 -20.63 0.03 8.20
C ARG B 77 -22.10 0.04 8.64
N ASN B 78 -22.99 0.47 7.76
CA ASN B 78 -24.40 0.55 8.09
C ASN B 78 -25.28 -0.12 7.06
N LEU B 79 -26.56 -0.24 7.41
CA LEU B 79 -27.51 -0.84 6.50
C LEU B 79 -27.89 0.25 5.50
N GLY B 80 -27.95 1.48 6.00
CA GLY B 80 -28.29 2.62 5.15
C GLY B 80 -27.14 3.64 4.97
N CYS B 81 -27.47 4.83 4.43
CA CYS B 81 -26.50 5.91 4.22
C CYS B 81 -26.59 7.01 5.29
N ILE B 82 -25.60 7.90 5.34
CA ILE B 82 -25.58 8.98 6.33
C ILE B 82 -25.97 10.27 5.64
N ASN B 83 -26.69 11.14 6.35
CA ASN B 83 -27.14 12.40 5.76
C ASN B 83 -26.32 13.55 6.32
N ALA B 84 -26.72 14.77 5.97
CA ALA B 84 -25.98 15.96 6.40
C ALA B 84 -25.77 16.09 7.90
N GLN B 85 -26.75 15.65 8.69
CA GLN B 85 -26.68 15.75 10.14
C GLN B 85 -25.75 14.74 10.78
N GLY B 86 -25.53 13.64 10.07
CA GLY B 86 -24.67 12.61 10.61
C GLY B 86 -25.54 11.45 11.06
N LYS B 87 -26.77 11.41 10.55
CA LYS B 87 -27.72 10.38 10.90
C LYS B 87 -27.91 9.37 9.78
N GLU B 88 -28.08 8.11 10.17
CA GLU B 88 -28.26 7.06 9.20
C GLU B 88 -29.69 7.13 8.67
N ASP B 89 -29.82 6.91 7.37
CA ASP B 89 -31.11 6.96 6.73
C ASP B 89 -31.43 5.62 6.07
N ILE B 90 -32.21 4.77 6.73
CA ILE B 90 -32.51 3.48 6.13
C ILE B 90 -33.43 3.47 4.90
N SER B 91 -33.90 4.64 4.46
CA SER B 91 -34.74 4.66 3.27
C SER B 91 -33.76 4.46 2.10
N MET B 92 -32.48 4.73 2.40
CA MET B 92 -31.38 4.60 1.46
C MET B 92 -30.43 3.48 1.88
N ASN B 93 -29.98 2.69 0.91
CA ASN B 93 -29.08 1.57 1.18
C ASN B 93 -27.60 1.75 0.86
N SER B 94 -26.80 1.14 1.73
CA SER B 94 -25.34 1.11 1.62
C SER B 94 -25.06 -0.23 0.99
N VAL B 95 -24.51 -0.25 -0.21
CA VAL B 95 -24.20 -1.56 -0.82
C VAL B 95 -22.73 -1.64 -1.20
N PRO B 96 -22.15 -2.84 -1.13
CA PRO B 96 -20.74 -3.06 -1.47
C PRO B 96 -20.48 -3.12 -2.97
N ILE B 97 -19.24 -2.84 -3.34
CA ILE B 97 -18.77 -2.87 -4.72
C ILE B 97 -17.69 -3.94 -4.79
N GLN B 98 -17.91 -4.96 -5.62
CA GLN B 98 -16.98 -6.06 -5.77
C GLN B 98 -16.16 -6.04 -7.05
N GLN B 99 -14.86 -6.28 -6.89
CA GLN B 99 -13.91 -6.35 -8.00
C GLN B 99 -13.32 -7.75 -7.97
N GLU B 100 -13.31 -8.37 -9.15
CA GLU B 100 -12.75 -9.69 -9.36
C GLU B 100 -11.29 -9.40 -9.63
N THR B 101 -10.40 -10.08 -8.92
CA THR B 101 -8.98 -9.85 -9.14
C THR B 101 -8.15 -11.11 -9.23
N LEU B 102 -6.87 -10.92 -9.50
CA LEU B 102 -5.95 -12.02 -9.64
C LEU B 102 -4.80 -11.81 -8.66
N VAL B 103 -4.36 -12.89 -8.03
CA VAL B 103 -3.23 -12.86 -7.13
C VAL B 103 -2.43 -14.14 -7.43
N VAL B 104 -1.15 -14.15 -7.12
CA VAL B 104 -0.33 -15.33 -7.39
C VAL B 104 -0.05 -16.19 -6.13
N ARG B 105 -0.31 -17.48 -6.23
CA ARG B 105 -0.04 -18.34 -5.10
C ARG B 105 1.27 -19.09 -5.34
N ARG B 106 2.07 -19.15 -4.28
CA ARG B 106 3.37 -19.78 -4.26
C ARG B 106 3.25 -21.20 -3.74
N LYS B 107 3.54 -22.16 -4.61
CA LYS B 107 3.41 -23.56 -4.24
C LYS B 107 4.72 -24.28 -3.94
N HIS B 108 4.63 -25.25 -3.05
CA HIS B 108 5.75 -26.10 -2.68
C HIS B 108 6.88 -25.49 -1.85
N GLN B 109 7.78 -26.38 -1.46
CA GLN B 109 8.96 -26.04 -0.68
C GLN B 109 10.17 -26.56 -1.44
N GLY B 110 11.35 -26.32 -0.89
CA GLY B 110 12.55 -26.77 -1.54
C GLY B 110 12.76 -25.90 -2.77
N CYS B 111 13.50 -26.43 -3.74
CA CYS B 111 13.78 -25.70 -4.95
C CYS B 111 12.69 -25.93 -5.97
N SER B 112 11.75 -26.80 -5.63
CA SER B 112 10.64 -27.10 -6.53
C SER B 112 9.46 -26.10 -6.31
N VAL B 113 9.80 -24.84 -6.10
CA VAL B 113 8.80 -23.82 -5.93
C VAL B 113 8.17 -23.50 -7.28
N SER B 114 6.86 -23.33 -7.27
CA SER B 114 6.13 -22.98 -8.47
C SER B 114 5.06 -21.97 -8.03
N PHE B 115 4.38 -21.36 -8.99
CA PHE B 115 3.35 -20.37 -8.73
C PHE B 115 2.09 -20.71 -9.48
N GLN B 116 0.95 -20.23 -8.99
CA GLN B 116 -0.32 -20.50 -9.65
C GLN B 116 -1.27 -19.32 -9.44
N LEU B 117 -2.03 -18.94 -10.47
CA LEU B 117 -2.93 -17.81 -10.35
C LEU B 117 -4.14 -18.19 -9.56
N GLU B 118 -4.66 -17.21 -8.84
CA GLU B 118 -5.83 -17.42 -8.00
C GLU B 118 -6.73 -16.23 -8.22
N LYS B 119 -8.03 -16.49 -8.22
CA LYS B 119 -8.99 -15.46 -8.42
C LYS B 119 -9.61 -15.09 -7.10
N VAL B 120 -9.49 -13.83 -6.70
CA VAL B 120 -10.14 -13.42 -5.46
C VAL B 120 -10.99 -12.20 -5.67
N LEU B 121 -12.18 -12.25 -5.09
CA LEU B 121 -13.11 -11.15 -5.18
C LEU B 121 -12.79 -10.27 -4.01
N VAL B 122 -12.69 -8.98 -4.29
CA VAL B 122 -12.37 -7.99 -3.31
C VAL B 122 -13.52 -7.00 -3.25
N THR B 123 -13.91 -6.65 -2.03
CA THR B 123 -14.96 -5.66 -1.83
C THR B 123 -14.11 -4.42 -1.64
N VAL B 124 -14.23 -3.47 -2.55
CA VAL B 124 -13.38 -2.29 -2.51
C VAL B 124 -13.87 -1.10 -1.74
N GLY B 125 -15.13 -1.13 -1.34
CA GLY B 125 -15.71 -0.04 -0.60
C GLY B 125 -17.18 -0.13 -0.85
N CYS B 126 -17.92 0.89 -0.38
CA CYS B 126 -19.36 0.94 -0.54
C CYS B 126 -19.90 2.23 -1.17
N THR B 127 -21.08 2.11 -1.78
CA THR B 127 -21.75 3.26 -2.38
C THR B 127 -23.18 3.28 -1.84
N CYS B 128 -23.88 4.37 -2.12
CA CYS B 128 -25.24 4.53 -1.66
C CYS B 128 -26.22 4.47 -2.83
N VAL B 129 -27.16 3.55 -2.71
CA VAL B 129 -28.18 3.31 -3.71
C VAL B 129 -29.56 3.59 -3.14
N THR B 130 -30.53 3.70 -4.04
CA THR B 130 -31.90 3.91 -3.66
C THR B 130 -32.50 2.51 -3.82
N PRO B 131 -33.16 1.98 -2.77
CA PRO B 131 -33.74 0.64 -2.89
C PRO B 131 -34.82 0.55 -3.97
N VAL B 132 -35.03 -0.66 -4.49
CA VAL B 132 -36.03 -0.88 -5.52
C VAL B 132 -37.25 -1.56 -4.90
N THR C 13 10.61 0.09 30.90
CA THR C 13 9.92 1.37 31.26
C THR C 13 8.46 1.39 30.77
N PHE C 14 8.33 1.65 29.46
CA PHE C 14 7.05 1.74 28.77
C PHE C 14 6.30 0.39 28.70
N PHE C 15 7.03 -0.72 28.75
CA PHE C 15 6.38 -2.02 28.66
C PHE C 15 6.18 -2.78 29.94
N GLN C 16 6.87 -2.42 31.02
CA GLN C 16 6.70 -3.16 32.26
C GLN C 16 5.49 -2.78 33.10
N LYS C 17 5.02 -3.78 33.84
CA LYS C 17 3.89 -3.65 34.73
C LYS C 17 4.54 -3.31 36.07
N PRO C 18 3.74 -3.04 37.11
CA PRO C 18 4.37 -2.71 38.39
C PRO C 18 4.81 -4.05 39.02
N GLU C 19 5.94 -4.01 39.72
CA GLU C 19 6.54 -5.18 40.37
C GLU C 19 5.60 -6.18 41.02
N SER C 20 4.56 -5.67 41.66
CA SER C 20 3.56 -6.46 42.35
C SER C 20 2.73 -7.46 41.51
N CYS C 21 2.39 -7.10 40.28
CA CYS C 21 1.55 -7.96 39.43
C CYS C 21 1.99 -9.39 39.13
N PRO C 22 1.02 -10.32 39.00
CA PRO C 22 1.28 -11.73 38.70
C PRO C 22 2.19 -11.93 37.48
N GLY C 26 10.14 -14.70 28.77
CA GLY C 26 9.07 -15.50 29.46
C GLY C 26 7.95 -14.59 29.93
N GLY C 27 8.22 -13.29 29.90
CA GLY C 27 7.24 -12.31 30.30
C GLY C 27 6.75 -11.49 29.14
N SER C 28 5.61 -11.87 28.58
CA SER C 28 5.04 -11.17 27.44
C SER C 28 3.83 -10.32 27.81
N MET C 29 3.61 -9.27 27.03
CA MET C 29 2.51 -8.35 27.24
C MET C 29 1.27 -8.63 26.40
N LYS C 30 0.25 -7.83 26.68
CA LYS C 30 -1.03 -7.93 26.02
C LYS C 30 -1.12 -6.97 24.85
N LEU C 31 -1.36 -7.53 23.66
CA LEU C 31 -1.48 -6.76 22.43
C LEU C 31 -2.93 -6.78 22.01
N ASP C 32 -3.52 -5.59 21.92
CA ASP C 32 -4.93 -5.48 21.56
C ASP C 32 -5.18 -5.53 20.09
N ILE C 33 -6.22 -6.26 19.72
CA ILE C 33 -6.59 -6.35 18.32
C ILE C 33 -6.92 -4.99 17.73
N GLY C 34 -6.60 -4.82 16.45
CA GLY C 34 -6.87 -3.59 15.74
C GLY C 34 -5.67 -2.67 15.65
N ILE C 35 -5.46 -2.08 14.47
CA ILE C 35 -4.38 -1.13 14.31
C ILE C 35 -5.04 0.24 14.16
N ILE C 36 -4.70 1.19 15.01
CA ILE C 36 -5.31 2.51 14.89
C ILE C 36 -4.86 3.15 13.58
N ASN C 37 -5.77 3.81 12.88
CA ASN C 37 -5.45 4.48 11.62
C ASN C 37 -4.74 3.60 10.61
N GLU C 38 -5.06 2.31 10.62
CA GLU C 38 -4.43 1.36 9.72
C GLU C 38 -4.55 1.67 8.24
N ASN C 39 -5.64 2.30 7.84
CA ASN C 39 -5.85 2.54 6.42
C ASN C 39 -5.33 3.84 5.82
N GLN C 40 -4.80 4.69 6.69
CA GLN C 40 -4.23 5.98 6.33
C GLN C 40 -3.11 5.76 5.35
N ARG C 41 -3.15 6.41 4.20
CA ARG C 41 -2.01 6.22 3.32
C ARG C 41 -1.29 7.53 3.01
N VAL C 42 -0.10 7.36 2.47
CA VAL C 42 0.75 8.48 2.12
C VAL C 42 0.28 9.15 0.85
N SER C 43 0.45 10.47 0.80
CA SER C 43 0.08 11.24 -0.37
C SER C 43 1.21 12.22 -0.72
N MET C 44 1.85 11.96 -1.86
CA MET C 44 2.96 12.78 -2.33
C MET C 44 2.83 13.13 -3.80
N SER C 45 3.62 14.11 -4.27
CA SER C 45 3.54 14.53 -5.69
C SER C 45 3.79 13.36 -6.62
N ARG C 46 3.03 13.28 -7.71
CA ARG C 46 3.21 12.22 -8.69
C ARG C 46 4.68 12.21 -9.09
N ASN C 47 5.30 11.04 -9.11
CA ASN C 47 6.70 10.93 -9.53
C ASN C 47 7.73 11.78 -8.81
N ILE C 48 7.43 12.13 -7.56
CA ILE C 48 8.34 12.94 -6.77
C ILE C 48 9.74 12.33 -6.69
N GLU C 49 9.92 11.07 -7.10
CA GLU C 49 11.24 10.46 -7.05
C GLU C 49 11.97 10.62 -8.38
N SER C 50 11.30 11.23 -9.35
CA SER C 50 11.92 11.48 -10.64
C SER C 50 12.01 13.01 -10.82
N ARG C 51 10.86 13.68 -10.64
CA ARG C 51 10.79 15.12 -10.79
C ARG C 51 11.65 15.87 -9.80
N SER C 52 12.37 15.15 -8.94
CA SER C 52 13.21 15.84 -7.95
C SER C 52 14.59 16.25 -8.53
N THR C 53 15.20 17.25 -7.90
CA THR C 53 16.52 17.70 -8.31
C THR C 53 17.49 16.61 -7.86
N SER C 54 17.07 15.83 -6.87
CA SER C 54 17.89 14.74 -6.35
C SER C 54 17.02 13.48 -6.37
N PRO C 55 16.74 12.96 -7.57
CA PRO C 55 15.91 11.78 -7.82
C PRO C 55 16.37 10.53 -7.13
N TRP C 56 15.43 9.63 -6.85
CA TRP C 56 15.82 8.40 -6.21
C TRP C 56 15.18 7.21 -6.82
N ASN C 57 15.67 6.05 -6.39
CA ASN C 57 15.12 4.80 -6.85
C ASN C 57 14.40 4.20 -5.63
N TYR C 58 13.48 3.29 -5.92
CA TYR C 58 12.68 2.60 -4.94
C TYR C 58 12.96 1.11 -5.06
N THR C 59 13.39 0.49 -3.96
CA THR C 59 13.63 -0.94 -3.93
C THR C 59 12.59 -1.52 -2.97
N VAL C 60 11.82 -2.49 -3.46
CA VAL C 60 10.80 -3.17 -2.66
C VAL C 60 11.37 -4.42 -2.01
N THR C 61 11.11 -4.57 -0.70
CA THR C 61 11.56 -5.75 0.04
C THR C 61 10.30 -6.44 0.53
N TRP C 62 10.32 -7.77 0.55
CA TRP C 62 9.16 -8.57 0.98
C TRP C 62 9.60 -9.61 2.00
N ASP C 63 8.82 -9.75 3.08
CA ASP C 63 9.11 -10.69 4.16
C ASP C 63 7.81 -11.30 4.60
N PRO C 64 7.70 -12.63 4.49
CA PRO C 64 6.48 -13.35 4.88
C PRO C 64 6.07 -13.28 6.34
N ASN C 65 7.01 -12.98 7.22
CA ASN C 65 6.74 -12.95 8.65
C ASN C 65 6.70 -11.56 9.24
N ARG C 66 6.41 -10.58 8.39
CA ARG C 66 6.43 -9.19 8.83
C ARG C 66 5.23 -8.37 8.47
N TYR C 67 5.01 -7.35 9.28
CA TYR C 67 3.91 -6.41 9.06
C TYR C 67 4.55 -5.04 9.15
N PRO C 68 4.54 -4.29 8.05
CA PRO C 68 3.98 -4.72 6.76
C PRO C 68 4.84 -5.79 6.09
N SER C 69 4.31 -6.37 5.01
CA SER C 69 4.97 -7.41 4.22
C SER C 69 6.07 -6.79 3.40
N GLU C 70 5.70 -5.69 2.76
CA GLU C 70 6.58 -4.93 1.90
C GLU C 70 7.00 -3.64 2.56
N VAL C 71 8.32 -3.44 2.60
CA VAL C 71 8.93 -2.25 3.15
C VAL C 71 9.77 -1.73 2.01
N VAL C 72 9.47 -0.54 1.54
CA VAL C 72 10.20 0.04 0.43
C VAL C 72 11.43 0.85 0.85
N GLN C 73 12.57 0.60 0.22
CA GLN C 73 13.79 1.37 0.53
C GLN C 73 14.11 2.24 -0.68
N ALA C 74 14.67 3.42 -0.42
CA ALA C 74 14.99 4.33 -1.51
C ALA C 74 16.50 4.54 -1.66
N GLN C 75 16.91 4.98 -2.84
CA GLN C 75 18.31 5.22 -3.12
C GLN C 75 18.55 6.37 -4.08
N CYS C 76 19.38 7.32 -3.67
CA CYS C 76 19.74 8.48 -4.50
C CYS C 76 20.38 7.99 -5.82
N ARG C 77 19.83 8.43 -6.96
CA ARG C 77 20.32 8.04 -8.29
C ARG C 77 21.66 8.68 -8.66
N ASN C 78 21.94 9.84 -8.07
CA ASN C 78 23.16 10.57 -8.38
C ASN C 78 23.88 11.03 -7.14
N LEU C 79 25.14 11.40 -7.34
CA LEU C 79 26.00 11.88 -6.26
C LEU C 79 25.68 13.35 -6.04
N GLY C 80 25.28 14.00 -7.13
CA GLY C 80 24.90 15.40 -7.09
C GLY C 80 23.42 15.55 -7.42
N CYS C 81 22.98 16.78 -7.74
CA CYS C 81 21.59 17.05 -8.08
C CYS C 81 21.46 17.41 -9.56
N ILE C 82 20.26 17.77 -9.98
CA ILE C 82 20.06 18.13 -11.38
C ILE C 82 19.62 19.59 -11.51
N ASN C 83 19.84 20.17 -12.68
CA ASN C 83 19.43 21.54 -12.92
C ASN C 83 18.37 21.47 -14.00
N ALA C 84 17.94 22.63 -14.49
CA ALA C 84 16.92 22.70 -15.52
C ALA C 84 17.18 21.81 -16.75
N GLN C 85 18.34 22.02 -17.36
CA GLN C 85 18.75 21.28 -18.55
C GLN C 85 18.62 19.76 -18.46
N GLY C 86 18.89 19.22 -17.28
CA GLY C 86 18.80 17.78 -17.10
C GLY C 86 20.19 17.20 -16.93
N LYS C 87 21.11 18.00 -16.40
CA LYS C 87 22.48 17.57 -16.19
C LYS C 87 22.86 17.62 -14.71
N GLU C 88 23.66 16.66 -14.28
CA GLU C 88 24.09 16.59 -12.89
C GLU C 88 25.11 17.67 -12.60
N ASP C 89 25.01 18.27 -11.41
CA ASP C 89 25.92 19.31 -10.96
C ASP C 89 26.47 18.84 -9.64
N ILE C 90 27.70 18.33 -9.64
CA ILE C 90 28.28 17.83 -8.38
C ILE C 90 28.71 18.88 -7.38
N SER C 91 28.42 20.15 -7.66
CA SER C 91 28.78 21.20 -6.70
C SER C 91 27.77 21.06 -5.56
N MET C 92 26.69 20.34 -5.84
CA MET C 92 25.59 20.10 -4.90
C MET C 92 25.43 18.60 -4.66
N ASN C 93 24.95 18.23 -3.49
CA ASN C 93 24.80 16.81 -3.21
C ASN C 93 23.37 16.29 -3.08
N SER C 94 23.19 15.07 -3.56
CA SER C 94 21.94 14.31 -3.48
C SER C 94 22.18 13.44 -2.27
N VAL C 95 21.46 13.69 -1.19
CA VAL C 95 21.65 12.85 -0.03
C VAL C 95 20.34 12.18 0.34
N PRO C 96 20.41 11.10 1.12
CA PRO C 96 19.22 10.36 1.53
C PRO C 96 18.60 10.88 2.82
N ILE C 97 17.29 10.75 2.94
CA ILE C 97 16.58 11.15 4.15
C ILE C 97 16.13 9.86 4.81
N GLN C 98 16.55 9.68 6.05
CA GLN C 98 16.24 8.46 6.78
C GLN C 98 15.28 8.60 7.97
N GLN C 99 14.34 7.65 8.03
CA GLN C 99 13.35 7.60 9.08
C GLN C 99 13.51 6.28 9.79
N GLU C 100 13.30 6.34 11.10
CA GLU C 100 13.41 5.19 11.99
C GLU C 100 11.99 4.71 12.16
N THR C 101 11.75 3.49 11.72
CA THR C 101 10.40 2.94 11.85
C THR C 101 10.34 1.64 12.66
N LEU C 102 9.12 1.24 12.99
CA LEU C 102 8.84 0.02 13.72
C LEU C 102 8.07 -0.84 12.78
N VAL C 103 8.33 -2.13 12.88
CA VAL C 103 7.68 -3.08 12.02
C VAL C 103 7.43 -4.28 12.93
N VAL C 104 6.40 -5.07 12.65
CA VAL C 104 6.08 -6.23 13.49
C VAL C 104 6.47 -7.57 12.90
N ARG C 105 7.13 -8.38 13.71
CA ARG C 105 7.56 -9.71 13.29
C ARG C 105 6.68 -10.78 13.90
N ARG C 106 6.24 -11.72 13.06
CA ARG C 106 5.39 -12.84 13.50
C ARG C 106 6.23 -14.04 13.87
N LYS C 107 6.01 -14.55 15.07
CA LYS C 107 6.74 -15.72 15.58
C LYS C 107 5.84 -16.90 15.81
N HIS C 108 6.43 -18.09 15.62
CA HIS C 108 5.75 -19.37 15.81
C HIS C 108 4.58 -19.56 14.91
N GLN C 109 3.67 -20.41 15.37
CA GLN C 109 2.46 -20.71 14.62
C GLN C 109 1.33 -21.29 15.50
N GLY C 110 0.16 -21.39 14.89
CA GLY C 110 -1.01 -21.92 15.58
C GLY C 110 -1.49 -21.02 16.69
N CYS C 111 -1.52 -21.57 17.90
CA CYS C 111 -1.98 -20.83 19.06
C CYS C 111 -0.79 -20.22 19.79
N SER C 112 0.42 -20.76 19.55
CA SER C 112 1.61 -20.22 20.24
C SER C 112 2.26 -19.07 19.46
N VAL C 113 1.55 -18.62 18.44
CA VAL C 113 1.97 -17.54 17.60
C VAL C 113 2.08 -16.26 18.42
N SER C 114 3.20 -15.56 18.31
CA SER C 114 3.35 -14.30 19.03
C SER C 114 3.92 -13.22 18.08
N PHE C 115 3.99 -11.98 18.57
CA PHE C 115 4.46 -10.87 17.77
C PHE C 115 5.54 -10.10 18.49
N GLN C 116 6.44 -9.48 17.74
CA GLN C 116 7.54 -8.75 18.32
C GLN C 116 7.92 -7.56 17.43
N LEU C 117 8.07 -6.38 18.02
CA LEU C 117 8.45 -5.23 17.21
C LEU C 117 9.90 -5.26 16.75
N GLU C 118 10.14 -4.74 15.56
CA GLU C 118 11.51 -4.67 15.03
C GLU C 118 11.71 -3.26 14.50
N LYS C 119 12.93 -2.75 14.71
CA LYS C 119 13.26 -1.41 14.27
C LYS C 119 13.95 -1.51 12.91
N VAL C 120 13.52 -0.68 11.97
CA VAL C 120 14.13 -0.68 10.66
C VAL C 120 14.21 0.72 10.11
N LEU C 121 15.42 1.05 9.65
CA LEU C 121 15.68 2.36 9.08
C LEU C 121 15.25 2.36 7.65
N VAL C 122 14.45 3.34 7.29
CA VAL C 122 14.01 3.40 5.93
C VAL C 122 14.53 4.66 5.29
N THR C 123 14.99 4.48 4.07
CA THR C 123 15.47 5.59 3.29
C THR C 123 14.24 5.95 2.49
N VAL C 124 13.60 7.01 2.92
CA VAL C 124 12.37 7.48 2.31
C VAL C 124 12.53 8.15 0.97
N GLY C 125 13.71 8.77 0.76
CA GLY C 125 13.98 9.46 -0.48
C GLY C 125 15.18 10.38 -0.31
N CYS C 126 15.47 11.19 -1.32
CA CYS C 126 16.61 12.10 -1.24
C CYS C 126 16.23 13.55 -1.48
N THR C 127 17.02 14.42 -0.88
CA THR C 127 16.88 15.87 -1.00
C THR C 127 18.22 16.36 -1.59
N CYS C 128 18.28 17.61 -2.02
CA CYS C 128 19.52 18.14 -2.55
C CYS C 128 20.09 19.20 -1.61
N VAL C 129 21.36 19.05 -1.26
CA VAL C 129 21.99 20.02 -0.35
C VAL C 129 23.20 20.73 -0.94
N THR C 130 23.73 21.64 -0.13
CA THR C 130 24.90 22.42 -0.48
C THR C 130 25.95 21.98 0.53
N PRO C 131 27.10 21.48 0.04
CA PRO C 131 28.22 20.99 0.85
C PRO C 131 28.72 21.92 1.97
N VAL C 132 29.23 21.29 3.03
CA VAL C 132 29.79 22.01 4.17
C VAL C 132 30.75 21.08 4.93
N VAL D 10 -14.53 -12.39 4.82
CA VAL D 10 -13.77 -13.57 5.29
C VAL D 10 -12.28 -13.34 4.99
N GLY D 11 -11.42 -14.01 5.75
CA GLY D 11 -10.00 -13.90 5.52
C GLY D 11 -9.31 -13.43 6.75
N HIS D 12 -8.41 -14.24 7.26
CA HIS D 12 -7.64 -13.88 8.44
C HIS D 12 -6.63 -12.76 8.20
N THR D 13 -6.26 -12.18 9.32
CA THR D 13 -5.38 -11.06 9.49
C THR D 13 -4.00 -11.55 9.87
N PHE D 14 -3.02 -10.65 9.82
CA PHE D 14 -1.65 -10.98 10.18
C PHE D 14 -1.65 -11.31 11.67
N PHE D 15 -2.67 -10.83 12.36
CA PHE D 15 -2.70 -11.03 13.77
C PHE D 15 -3.59 -12.10 14.34
N GLN D 16 -4.52 -12.64 13.56
CA GLN D 16 -5.40 -13.67 14.08
C GLN D 16 -4.80 -15.06 14.36
N LYS D 17 -5.42 -15.78 15.30
CA LYS D 17 -5.05 -17.15 15.73
C LYS D 17 -6.25 -17.99 15.32
N PRO D 18 -6.09 -19.32 15.21
CA PRO D 18 -7.26 -20.09 14.81
C PRO D 18 -8.39 -19.88 15.83
N GLU D 19 -9.58 -19.63 15.31
CA GLU D 19 -10.79 -19.36 16.11
C GLU D 19 -10.92 -20.24 17.35
N SER D 20 -10.56 -21.50 17.18
CA SER D 20 -10.66 -22.48 18.26
C SER D 20 -9.52 -22.55 19.25
N CYS D 21 -8.54 -21.67 19.16
CA CYS D 21 -7.38 -21.77 20.05
C CYS D 21 -7.54 -21.84 21.55
N PRO D 22 -6.56 -22.47 22.20
CA PRO D 22 -6.54 -22.63 23.64
C PRO D 22 -6.52 -21.27 24.33
N SER D 28 -7.02 -10.75 22.74
CA SER D 28 -5.74 -10.02 22.93
C SER D 28 -4.48 -10.87 22.75
N MET D 29 -3.78 -10.62 21.65
CA MET D 29 -2.55 -11.31 21.30
C MET D 29 -1.37 -11.12 22.28
N LYS D 30 -0.34 -11.93 22.06
CA LYS D 30 0.89 -12.03 22.83
C LYS D 30 1.99 -11.21 22.17
N LEU D 31 2.61 -10.35 22.97
CA LEU D 31 3.66 -9.50 22.46
C LEU D 31 4.95 -9.73 23.23
N ASP D 32 5.87 -10.46 22.62
CA ASP D 32 7.14 -10.71 23.24
C ASP D 32 7.87 -9.39 23.49
N ILE D 33 8.82 -9.44 24.42
CA ILE D 33 9.61 -8.29 24.84
C ILE D 33 10.90 -8.11 24.07
N GLY D 34 11.36 -6.86 24.06
CA GLY D 34 12.58 -6.53 23.35
C GLY D 34 12.26 -6.06 21.94
N ILE D 35 13.06 -5.13 21.44
CA ILE D 35 12.90 -4.62 20.11
C ILE D 35 14.07 -5.03 19.25
N ILE D 36 13.80 -5.87 18.25
CA ILE D 36 14.85 -6.32 17.35
C ILE D 36 15.61 -5.15 16.71
N ASN D 37 16.93 -5.15 16.81
CA ASN D 37 17.74 -4.08 16.24
C ASN D 37 17.37 -2.70 16.78
N GLU D 38 17.09 -2.65 18.08
CA GLU D 38 16.70 -1.43 18.77
C GLU D 38 17.84 -0.45 18.74
N ASN D 39 19.05 -0.99 18.85
CA ASN D 39 20.25 -0.17 18.84
C ASN D 39 20.70 -0.10 17.42
N GLN D 40 20.24 0.96 16.79
CA GLN D 40 20.53 1.22 15.40
C GLN D 40 20.03 2.65 15.22
N ARG D 41 20.91 3.52 14.75
CA ARG D 41 20.50 4.90 14.58
C ARG D 41 20.65 5.45 13.18
N VAL D 42 19.84 6.47 12.92
CA VAL D 42 19.81 7.15 11.65
C VAL D 42 21.08 7.99 11.48
N SER D 43 21.70 7.92 10.31
CA SER D 43 22.92 8.68 10.04
C SER D 43 22.74 9.60 8.82
N MET D 44 22.40 10.86 9.07
CA MET D 44 22.16 11.85 8.00
C MET D 44 23.07 13.08 8.04
N SER D 45 23.31 13.65 6.86
CA SER D 45 24.15 14.84 6.76
C SER D 45 23.78 15.85 7.83
N ARG D 46 24.78 16.37 8.54
CA ARG D 46 24.55 17.35 9.59
C ARG D 46 23.70 18.47 8.98
N ASN D 47 22.82 19.05 9.79
CA ASN D 47 21.99 20.15 9.32
C ASN D 47 21.41 19.96 7.93
N ILE D 48 20.99 18.73 7.63
CA ILE D 48 20.43 18.42 6.32
C ILE D 48 19.18 19.25 6.05
N GLU D 49 18.45 19.60 7.10
CA GLU D 49 17.22 20.39 6.94
C GLU D 49 17.47 21.88 6.70
N SER D 50 18.74 22.29 6.76
CA SER D 50 19.08 23.69 6.52
C SER D 50 19.81 23.78 5.17
N ARG D 51 20.77 22.88 4.99
CA ARG D 51 21.60 22.83 3.79
C ARG D 51 20.85 22.41 2.53
N SER D 52 19.60 22.02 2.69
CA SER D 52 18.81 21.58 1.54
C SER D 52 18.23 22.75 0.77
N THR D 53 18.11 22.57 -0.53
CA THR D 53 17.54 23.58 -1.45
C THR D 53 16.07 23.76 -1.10
N SER D 54 15.50 22.73 -0.47
CA SER D 54 14.12 22.72 -0.02
C SER D 54 14.24 22.39 1.46
N PRO D 55 14.66 23.36 2.29
CA PRO D 55 14.86 23.20 3.74
C PRO D 55 13.57 23.02 4.51
N TRP D 56 13.65 22.47 5.71
CA TRP D 56 12.44 22.24 6.52
C TRP D 56 12.59 22.52 8.02
N ASN D 57 11.46 22.69 8.69
CA ASN D 57 11.41 22.94 10.14
C ASN D 57 11.06 21.61 10.80
N TYR D 58 11.43 21.44 12.06
CA TYR D 58 11.11 20.20 12.78
C TYR D 58 10.13 20.46 13.94
N THR D 59 8.98 19.82 13.89
CA THR D 59 7.96 19.93 14.95
C THR D 59 7.96 18.65 15.78
N VAL D 60 8.27 18.77 17.08
CA VAL D 60 8.31 17.59 17.95
C VAL D 60 7.14 17.39 18.90
N THR D 61 6.26 16.46 18.54
CA THR D 61 5.12 16.11 19.35
C THR D 61 5.62 15.08 20.37
N TRP D 62 4.96 15.00 21.51
CA TRP D 62 5.35 14.04 22.53
C TRP D 62 4.15 13.52 23.29
N ASP D 63 4.01 12.20 23.30
CA ASP D 63 2.91 11.54 23.99
C ASP D 63 3.55 10.55 24.94
N PRO D 64 3.20 10.63 26.23
CA PRO D 64 3.72 9.76 27.28
C PRO D 64 3.27 8.31 27.10
N ASN D 65 2.03 8.17 26.64
CA ASN D 65 1.43 6.86 26.43
C ASN D 65 1.69 6.28 25.04
N ARG D 66 2.82 6.65 24.44
CA ARG D 66 3.15 6.14 23.12
C ARG D 66 4.60 5.83 22.94
N TYR D 67 4.89 4.74 22.23
CA TYR D 67 6.26 4.36 21.95
C TYR D 67 6.50 4.32 20.45
N PRO D 68 7.46 5.12 19.96
CA PRO D 68 8.32 6.02 20.73
C PRO D 68 7.58 7.27 21.23
N SER D 69 8.07 7.87 22.31
CA SER D 69 7.40 9.06 22.88
C SER D 69 7.38 10.28 21.97
N GLU D 70 8.54 10.63 21.44
CA GLU D 70 8.64 11.79 20.55
C GLU D 70 8.65 11.41 19.07
N VAL D 71 7.67 11.96 18.35
CA VAL D 71 7.51 11.73 16.93
C VAL D 71 7.74 13.08 16.27
N VAL D 72 8.80 13.17 15.49
CA VAL D 72 9.14 14.40 14.80
C VAL D 72 8.42 14.56 13.47
N GLN D 73 7.84 15.73 13.27
CA GLN D 73 7.12 16.00 12.04
C GLN D 73 7.77 17.20 11.38
N ALA D 74 8.13 17.02 10.11
CA ALA D 74 8.81 18.02 9.34
C ALA D 74 7.84 18.89 8.59
N GLN D 75 8.29 20.10 8.30
CA GLN D 75 7.50 21.06 7.56
C GLN D 75 8.39 21.90 6.64
N CYS D 76 8.16 21.76 5.32
CA CYS D 76 8.92 22.52 4.34
C CYS D 76 8.87 23.99 4.75
N ARG D 77 10.01 24.68 4.65
CA ARG D 77 10.12 26.08 5.04
C ARG D 77 9.70 27.11 3.98
N ASN D 78 9.80 26.72 2.70
CA ASN D 78 9.45 27.62 1.60
C ASN D 78 8.65 26.95 0.51
N LEU D 79 8.08 27.75 -0.38
CA LEU D 79 7.25 27.23 -1.46
C LEU D 79 8.13 26.74 -2.61
N GLY D 80 9.18 27.52 -2.87
CA GLY D 80 10.10 27.17 -3.92
C GLY D 80 11.35 26.63 -3.27
N CYS D 81 12.42 26.45 -4.04
CA CYS D 81 13.67 25.96 -3.51
C CYS D 81 14.66 27.13 -3.56
N ILE D 82 15.68 27.10 -2.72
CA ILE D 82 16.67 28.16 -2.72
C ILE D 82 17.87 27.79 -3.58
N ASN D 83 18.36 28.76 -4.34
CA ASN D 83 19.49 28.58 -5.24
C ASN D 83 20.78 28.99 -4.52
N ALA D 84 21.87 29.01 -5.28
CA ALA D 84 23.18 29.37 -4.74
C ALA D 84 23.12 30.68 -3.95
N GLN D 85 22.56 31.71 -4.58
CA GLN D 85 22.43 33.05 -3.98
C GLN D 85 21.61 33.09 -2.69
N GLY D 86 20.67 32.15 -2.56
CA GLY D 86 19.83 32.12 -1.38
C GLY D 86 18.46 32.70 -1.69
N LYS D 87 18.11 32.71 -2.97
CA LYS D 87 16.82 33.27 -3.40
C LYS D 87 15.79 32.20 -3.70
N GLU D 88 14.56 32.42 -3.26
CA GLU D 88 13.49 31.46 -3.47
C GLU D 88 12.98 31.40 -4.90
N ASP D 89 13.63 30.57 -5.70
CA ASP D 89 13.22 30.39 -7.09
C ASP D 89 11.92 29.60 -7.10
N ILE D 90 10.80 30.25 -7.40
CA ILE D 90 9.52 29.56 -7.39
C ILE D 90 9.10 28.86 -8.68
N SER D 91 10.08 28.55 -9.54
CA SER D 91 9.80 27.84 -10.79
C SER D 91 9.91 26.36 -10.40
N MET D 92 10.51 26.15 -9.22
CA MET D 92 10.70 24.84 -8.65
C MET D 92 9.96 24.80 -7.32
N ASN D 93 9.58 23.60 -6.89
CA ASN D 93 8.81 23.49 -5.67
C ASN D 93 9.37 22.66 -4.53
N SER D 94 9.08 23.12 -3.32
CA SER D 94 9.47 22.43 -2.10
C SER D 94 8.32 21.47 -1.74
N VAL D 95 8.55 20.17 -1.83
CA VAL D 95 7.48 19.24 -1.44
C VAL D 95 7.96 18.28 -0.37
N PRO D 96 7.06 17.87 0.53
CA PRO D 96 7.34 16.95 1.64
C PRO D 96 7.43 15.51 1.26
N ILE D 97 8.23 14.78 2.02
CA ILE D 97 8.35 13.36 1.79
C ILE D 97 7.73 12.67 3.00
N GLN D 98 6.75 11.82 2.70
CA GLN D 98 5.99 11.10 3.72
C GLN D 98 6.30 9.63 3.92
N GLN D 99 6.49 9.27 5.18
CA GLN D 99 6.79 7.90 5.53
C GLN D 99 5.74 7.40 6.50
N GLU D 100 5.17 6.25 6.16
CA GLU D 100 4.14 5.60 6.96
C GLU D 100 4.89 4.77 8.00
N THR D 101 4.48 4.89 9.25
CA THR D 101 5.16 4.12 10.29
C THR D 101 4.25 3.57 11.36
N LEU D 102 4.85 2.76 12.24
CA LEU D 102 4.14 2.13 13.35
C LEU D 102 4.62 2.62 14.73
N VAL D 103 3.67 2.87 15.62
CA VAL D 103 4.01 3.29 16.98
C VAL D 103 3.11 2.48 17.91
N VAL D 104 3.60 2.26 19.12
CA VAL D 104 2.83 1.49 20.08
C VAL D 104 2.09 2.39 21.05
N ARG D 105 0.80 2.16 21.20
CA ARG D 105 0.01 2.93 22.16
C ARG D 105 -0.26 2.11 23.43
N ARG D 106 0.06 2.72 24.57
CA ARG D 106 -0.14 2.12 25.89
C ARG D 106 -1.57 2.38 26.34
N LYS D 107 -2.23 1.33 26.80
CA LYS D 107 -3.59 1.49 27.21
C LYS D 107 -3.75 1.01 28.62
N HIS D 108 -4.85 1.43 29.22
CA HIS D 108 -5.20 1.08 30.60
C HIS D 108 -4.06 1.42 31.58
N GLN D 109 -4.09 0.81 32.76
CA GLN D 109 -3.10 1.12 33.78
C GLN D 109 -2.66 -0.02 34.72
N GLY D 110 -1.53 0.21 35.38
CA GLY D 110 -0.99 -0.75 36.32
C GLY D 110 -0.88 -2.17 35.83
N CYS D 111 -1.58 -3.08 36.51
CA CYS D 111 -1.51 -4.48 36.10
C CYS D 111 -2.25 -4.67 34.80
N SER D 112 -3.35 -3.95 34.65
CA SER D 112 -4.19 -4.05 33.46
C SER D 112 -3.62 -3.42 32.20
N VAL D 113 -2.33 -3.11 32.21
CA VAL D 113 -1.69 -2.50 31.04
C VAL D 113 -1.86 -3.38 29.78
N SER D 114 -2.22 -2.72 28.67
CA SER D 114 -2.42 -3.34 27.36
C SER D 114 -1.67 -2.52 26.32
N PHE D 115 -1.35 -3.12 25.15
CA PHE D 115 -0.68 -2.37 24.08
C PHE D 115 -1.36 -2.56 22.75
N GLN D 116 -1.50 -1.47 22.01
CA GLN D 116 -2.15 -1.48 20.70
C GLN D 116 -1.28 -0.72 19.70
N LEU D 117 -1.16 -1.28 18.51
CA LEU D 117 -0.33 -0.68 17.46
C LEU D 117 -1.06 0.45 16.77
N GLU D 118 -0.33 1.48 16.42
CA GLU D 118 -0.95 2.61 15.75
C GLU D 118 -0.13 3.10 14.58
N LYS D 119 -0.80 3.21 13.43
CA LYS D 119 -0.15 3.67 12.22
C LYS D 119 -0.12 5.19 12.10
N VAL D 120 1.07 5.77 12.05
CA VAL D 120 1.16 7.20 11.86
C VAL D 120 2.03 7.62 10.66
N LEU D 121 1.55 8.64 9.96
CA LEU D 121 2.30 9.14 8.80
C LEU D 121 3.19 10.30 9.23
N VAL D 122 4.50 10.09 9.07
CA VAL D 122 5.52 11.07 9.41
C VAL D 122 6.10 11.82 8.21
N THR D 123 6.11 13.14 8.29
CA THR D 123 6.73 13.92 7.22
C THR D 123 8.20 14.00 7.66
N VAL D 124 9.03 13.22 6.97
CA VAL D 124 10.45 13.09 7.25
C VAL D 124 11.33 14.27 6.83
N GLY D 125 10.91 14.97 5.79
CA GLY D 125 11.65 16.12 5.29
C GLY D 125 11.14 16.50 3.90
N CYS D 126 11.83 17.43 3.23
CA CYS D 126 11.43 17.87 1.90
C CYS D 126 12.52 17.78 0.83
N THR D 127 12.07 17.56 -0.40
CA THR D 127 12.93 17.47 -1.55
C THR D 127 12.49 18.63 -2.43
N CYS D 128 13.20 18.88 -3.52
CA CYS D 128 12.83 19.94 -4.45
C CYS D 128 12.47 19.31 -5.78
N VAL D 129 11.26 19.57 -6.24
CA VAL D 129 10.82 18.99 -7.52
C VAL D 129 10.71 20.04 -8.63
N THR D 130 10.60 19.59 -9.87
CA THR D 130 10.48 20.49 -11.01
C THR D 130 9.57 19.85 -12.06
N PRO D 131 9.30 20.58 -13.15
CA PRO D 131 8.42 20.14 -14.26
C PRO D 131 8.82 18.90 -15.05
N VAL D 132 10.13 18.64 -15.11
CA VAL D 132 10.65 17.51 -15.87
C VAL D 132 10.73 16.21 -15.06
N ILE D 133 10.50 15.08 -15.73
CA ILE D 133 10.59 13.78 -15.08
C ILE D 133 12.05 13.26 -15.26
N HIS D 134 12.99 14.19 -15.17
CA HIS D 134 14.42 13.91 -15.32
C HIS D 134 14.91 13.09 -14.15
C1 NAG E . -16.23 -0.62 11.94
C2 NAG E . -17.08 -1.57 12.82
C3 NAG E . -17.16 -1.04 14.28
C4 NAG E . -15.74 -0.70 14.80
C5 NAG E . -15.05 0.26 13.81
C6 NAG E . -13.63 0.69 14.23
C7 NAG E . -18.82 -2.65 11.52
C8 NAG E . -20.22 -2.59 10.90
N2 NAG E . -18.41 -1.60 12.22
O3 NAG E . -17.79 -2.01 15.15
O4 NAG E . -15.77 -0.08 16.12
O5 NAG E . -14.95 -0.36 12.52
O6 NAG E . -13.42 2.09 14.04
O7 NAG E . -18.13 -3.68 11.36
C1 NDG E . -16.85 -0.26 16.98
C2 NDG E . -16.80 0.82 18.07
C3 NDG E . -15.49 0.69 18.84
C4 NDG E . -15.31 -0.75 19.38
C5 NDG E . -15.51 -1.81 18.28
C6 NDG E . -15.57 -3.21 18.86
C7 NDG E . -17.56 2.39 16.35
C8 NDG E . -17.61 3.84 15.83
O5 NDG E . -16.75 -1.58 17.56
O3 NDG E . -15.47 1.63 19.92
O4 NDG E . -14.00 -0.88 19.92
O6 NDG E . -14.26 -3.72 19.12
O7 NDG E . -18.14 1.48 15.69
N2 NDG E . -16.88 2.17 17.48
C1 NAG F . 18.19 3.44 -10.55
C2 NAG F . 19.67 3.00 -10.62
C3 NAG F . 20.11 2.55 -12.01
C4 NAG F . 19.09 1.72 -12.77
C5 NAG F . 17.63 2.27 -12.58
C6 NAG F . 16.48 1.46 -13.22
C7 NAG F . 21.28 4.14 -9.26
C8 NAG F . 22.09 5.41 -9.01
N2 NAG F . 20.48 4.15 -10.31
O3 NAG F . 21.34 1.83 -11.96
O4 NAG F . 19.46 1.81 -14.17
O5 NAG F . 17.34 2.43 -11.16
O6 NAG F . 16.39 0.14 -12.71
O7 NAG F . 21.35 3.19 -8.49
C1 NAG F . 19.25 0.68 -14.93
C2 NAG F . 19.46 1.00 -16.39
C3 NAG F . 18.88 -0.22 -17.11
C4 NAG F . 19.80 -1.43 -16.76
C5 NAG F . 19.87 -1.63 -15.22
C6 NAG F . 20.90 -2.64 -14.74
C7 NAG F . 17.53 2.42 -16.77
C8 NAG F . 16.99 3.80 -17.15
N2 NAG F . 18.85 2.26 -16.78
O3 NAG F . 18.80 0.01 -18.51
O4 NAG F . 19.33 -2.63 -17.39
O5 NAG F . 20.16 -0.36 -14.52
O6 NAG F . 20.59 -3.11 -13.42
O7 NAG F . 16.74 1.51 -16.49
C1 NAG G . -22.79 8.21 -18.96
C2 NAG G . -24.18 8.12 -19.67
C3 NAG G . -23.99 8.05 -21.23
C4 NAG G . -23.17 9.30 -21.64
C5 NAG G . -21.81 9.20 -20.92
C6 NAG G . -20.74 10.25 -21.31
C7 NAG G . -26.29 6.93 -19.38
C8 NAG G . -27.05 5.72 -18.82
N2 NAG G . -24.97 6.99 -19.16
O3 NAG G . -25.24 8.01 -21.93
O4 NAG G . -23.01 9.38 -23.07
O5 NAG G . -22.02 9.31 -19.49
O6 NAG G . -19.47 9.92 -20.74
O7 NAG G . -26.92 7.81 -20.03
S SO4 H . 0.53 16.19 -8.34
O1 SO4 H . 1.40 17.25 -7.75
O2 SO4 H . 0.82 14.88 -7.71
O3 SO4 H . 0.78 16.05 -9.81
O4 SO4 H . -0.87 16.57 -8.11
C1 NAG I . 10.00 27.66 10.67
C2 NAG I . 8.55 28.17 10.70
C3 NAG I . 8.53 29.57 10.06
C4 NAG I . 9.31 30.48 11.01
C5 NAG I . 10.77 29.93 11.21
C6 NAG I . 11.50 30.65 12.35
C7 NAG I . 7.15 27.30 8.89
C8 NAG I . 6.08 26.29 8.48
N2 NAG I . 7.57 27.23 10.15
O3 NAG I . 7.20 30.05 9.94
O4 NAG I . 9.33 31.82 10.52
O5 NAG I . 10.78 28.50 11.55
O6 NAG I . 10.61 31.41 13.17
O7 NAG I . 7.60 28.08 8.05
#